data_1ZRH
#
_entry.id   1ZRH
#
_cell.length_a   58.887
_cell.length_b   135.255
_cell.length_c   48.210
_cell.angle_alpha   90.00
_cell.angle_beta   90.00
_cell.angle_gamma   90.00
#
_symmetry.space_group_name_H-M   'P 21 21 2'
#
loop_
_entity.id
_entity.type
_entity.pdbx_description
1 polymer 'Heparan sulfate glucosamine 3-O-sulfotransferase 1'
2 non-polymer "ADENOSINE-3'-5'-DIPHOSPHATE"
3 water water
#
_entity_poly.entity_id   1
_entity_poly.type   'polypeptide(L)'
_entity_poly.pdbx_seq_one_letter_code
;GSTLQDDVRDGVAPNGSAQQLPQTIIIGVRKGGTRALLEMLSLHPDVAAAENEVHFFDWEEHYSHGLGWYLSQMPFSWPH
QLTVEKTPAYFTSPKVPERVYSMNPSIRLLLILRDPSERVLSDYTQVFYNHMQKHKPYPSIEEFLVRDGRLNVDYKALNR
SLYHVHMQNWLRFFPLRHIHIVDGDRLIRDPFPEIQKVERFLKLSPQINASNFYFNKTKGFYCLRDSGRDRCLHESKGRA
HPQVDPKLLNKLHEYFHEPNKKFFELVGRTFDWH
;
_entity_poly.pdbx_strand_id   A
#
loop_
_chem_comp.id
_chem_comp.type
_chem_comp.name
_chem_comp.formula
A3P RNA linking ADENOSINE-3'-5'-DIPHOSPHATE 'C10 H15 N5 O10 P2'
#
# COMPACT_ATOMS: atom_id res chain seq x y z
N VAL A 12 22.08 -20.14 6.75
CA VAL A 12 21.45 -20.59 8.05
C VAL A 12 22.29 -20.18 9.25
N ALA A 13 21.75 -19.25 10.06
CA ALA A 13 22.42 -18.70 11.21
C ALA A 13 22.46 -19.75 12.33
N PRO A 14 23.33 -19.58 13.35
CA PRO A 14 23.36 -20.51 14.52
C PRO A 14 22.00 -20.74 15.20
N ASN A 15 21.16 -19.67 15.28
CA ASN A 15 19.78 -19.73 15.82
C ASN A 15 18.74 -20.48 14.98
N GLY A 16 19.18 -20.93 13.80
CA GLY A 16 18.36 -21.71 12.91
C GLY A 16 17.60 -20.91 11.88
N SER A 17 17.77 -19.58 11.92
CA SER A 17 17.07 -18.63 10.99
C SER A 17 17.85 -18.47 9.69
N ALA A 18 17.20 -17.92 8.68
CA ALA A 18 17.73 -17.78 7.33
C ALA A 18 16.84 -16.76 6.63
N GLN A 19 17.41 -16.08 5.65
CA GLN A 19 16.65 -15.22 4.78
C GLN A 19 15.92 -16.06 3.76
N GLN A 20 14.63 -15.79 3.59
CA GLN A 20 13.76 -16.43 2.58
C GLN A 20 13.21 -15.37 1.59
N LEU A 21 12.93 -15.78 0.34
CA LEU A 21 12.29 -14.86 -0.60
C LEU A 21 10.87 -14.62 -0.05
N PRO A 22 10.31 -13.42 -0.31
CA PRO A 22 8.97 -13.19 0.26
C PRO A 22 7.94 -14.14 -0.31
N GLN A 23 7.08 -14.64 0.58
CA GLN A 23 5.91 -15.43 0.17
C GLN A 23 4.70 -14.53 -0.11
N THR A 24 4.81 -13.28 0.33
CA THR A 24 3.84 -12.28 -0.03
C THR A 24 4.52 -10.91 -0.13
N ILE A 25 3.95 -10.05 -0.98
CA ILE A 25 4.43 -8.70 -1.22
C ILE A 25 3.24 -7.73 -1.19
N ILE A 26 3.42 -6.64 -0.47
CA ILE A 26 2.47 -5.52 -0.51
C ILE A 26 2.94 -4.59 -1.63
N ILE A 27 2.16 -4.58 -2.70
CA ILE A 27 2.63 -3.96 -3.96
C ILE A 27 2.21 -2.49 -4.08
N GLY A 28 1.43 -2.00 -3.12
CA GLY A 28 0.79 -0.67 -3.28
C GLY A 28 -0.64 -0.68 -2.79
N VAL A 29 -1.43 0.36 -3.06
CA VAL A 29 -1.06 1.54 -3.87
C VAL A 29 -0.27 2.57 -2.97
N ARG A 30 0.56 3.38 -3.63
CA ARG A 30 1.14 4.55 -3.01
C ARG A 30 0.06 5.32 -2.25
N LYS A 31 0.28 5.52 -0.94
CA LYS A 31 -0.66 6.19 -0.05
C LYS A 31 -1.93 5.43 0.28
N GLY A 32 -2.00 4.16 -0.11
CA GLY A 32 -3.16 3.30 0.22
C GLY A 32 -3.28 2.93 1.67
N GLY A 33 -2.17 2.97 2.39
CA GLY A 33 -2.05 2.50 3.80
C GLY A 33 -1.07 1.32 3.93
N THR A 34 -0.02 1.36 3.15
CA THR A 34 0.93 0.22 3.00
C THR A 34 1.76 -0.04 4.26
N ARG A 35 2.17 1.04 4.90
CA ARG A 35 2.93 0.93 6.14
C ARG A 35 2.02 0.43 7.30
N ALA A 36 0.84 1.01 7.45
CA ALA A 36 -0.17 0.42 8.36
C ALA A 36 -0.35 -1.10 8.12
N LEU A 37 -0.57 -1.51 6.87
CA LEU A 37 -0.77 -2.93 6.56
C LEU A 37 0.46 -3.81 6.89
N LEU A 38 1.63 -3.41 6.42
CA LEU A 38 2.90 -4.04 6.79
C LEU A 38 3.06 -4.22 8.32
N GLU A 39 2.94 -3.13 9.07
CA GLU A 39 3.13 -3.22 10.56
C GLU A 39 2.08 -4.06 11.24
N MET A 40 0.82 -3.96 10.81
CA MET A 40 -0.25 -4.79 11.39
C MET A 40 -0.11 -6.27 11.07
N LEU A 41 0.14 -6.59 9.81
CA LEU A 41 0.40 -7.97 9.46
C LEU A 41 1.58 -8.53 10.24
N SER A 42 2.64 -7.75 10.42
CA SER A 42 3.80 -8.26 11.15
C SER A 42 3.60 -8.48 12.68
N LEU A 43 2.45 -8.06 13.23
CA LEU A 43 2.01 -8.52 14.55
C LEU A 43 1.89 -10.07 14.60
N HIS A 44 1.57 -10.68 13.47
CA HIS A 44 1.43 -12.12 13.44
C HIS A 44 2.80 -12.80 13.71
N PRO A 45 2.85 -13.71 14.70
CA PRO A 45 4.14 -14.38 15.03
C PRO A 45 4.78 -15.21 13.88
N ASP A 46 3.98 -15.64 12.91
CA ASP A 46 4.44 -16.38 11.76
C ASP A 46 4.88 -15.47 10.60
N VAL A 47 4.82 -14.15 10.77
CA VAL A 47 5.25 -13.23 9.73
C VAL A 47 6.57 -12.50 10.08
N ALA A 48 7.49 -12.47 9.12
CA ALA A 48 8.72 -11.69 9.21
C ALA A 48 8.68 -10.57 8.15
N ALA A 49 8.64 -9.31 8.58
CA ALA A 49 8.56 -8.16 7.64
C ALA A 49 9.93 -7.47 7.41
N ALA A 50 10.28 -7.18 6.17
CA ALA A 50 11.34 -6.24 5.89
C ALA A 50 10.85 -4.87 6.38
N GLU A 51 11.70 -4.17 7.12
CA GLU A 51 11.42 -2.87 7.70
C GLU A 51 11.36 -1.71 6.66
N ASN A 52 12.21 -1.77 5.63
CA ASN A 52 12.22 -0.73 4.63
C ASN A 52 11.64 -1.19 3.31
N GLU A 53 11.24 -0.22 2.49
CA GLU A 53 10.83 -0.50 1.13
C GLU A 53 12.04 -0.95 0.32
N VAL A 54 11.94 -2.09 -0.35
CA VAL A 54 13.13 -2.71 -0.90
C VAL A 54 13.45 -2.17 -2.29
N HIS A 55 12.40 -1.91 -3.06
CA HIS A 55 12.53 -1.38 -4.39
C HIS A 55 13.40 -2.30 -5.27
N PHE A 56 13.12 -3.60 -5.20
CA PHE A 56 13.84 -4.53 -6.04
C PHE A 56 13.41 -4.53 -7.52
N PHE A 57 12.12 -4.79 -7.76
CA PHE A 57 11.63 -4.97 -9.11
C PHE A 57 11.57 -3.65 -9.92
N ASP A 58 11.43 -2.52 -9.24
CA ASP A 58 11.15 -1.24 -9.90
C ASP A 58 12.42 -0.37 -10.15
N TRP A 59 13.52 -0.62 -9.43
CA TRP A 59 14.78 0.13 -9.70
C TRP A 59 15.77 -0.76 -10.48
N GLU A 60 16.12 -0.36 -11.70
CA GLU A 60 17.10 -1.10 -12.50
C GLU A 60 18.42 -1.38 -11.74
N GLU A 61 18.88 -0.44 -10.91
CA GLU A 61 20.11 -0.66 -10.13
C GLU A 61 19.99 -1.67 -8.99
N HIS A 62 18.75 -1.99 -8.61
CA HIS A 62 18.54 -3.09 -7.68
C HIS A 62 18.27 -4.39 -8.38
N TYR A 63 17.43 -4.34 -9.40
CA TYR A 63 17.00 -5.53 -10.08
C TYR A 63 18.15 -6.24 -10.83
N SER A 64 19.13 -5.47 -11.31
CA SER A 64 20.27 -6.04 -12.03
C SER A 64 21.15 -6.91 -11.11
N HIS A 65 21.13 -6.63 -9.79
CA HIS A 65 21.83 -7.44 -8.78
C HIS A 65 21.24 -8.82 -8.59
N GLY A 66 20.05 -9.05 -9.16
CA GLY A 66 19.36 -10.34 -9.10
C GLY A 66 18.79 -10.84 -7.75
N LEU A 67 18.20 -12.03 -7.78
CA LEU A 67 17.51 -12.63 -6.63
C LEU A 67 18.34 -12.81 -5.38
N GLY A 68 19.65 -13.02 -5.55
CA GLY A 68 20.55 -13.13 -4.41
C GLY A 68 20.63 -11.84 -3.63
N TRP A 69 20.63 -10.72 -4.35
CA TRP A 69 20.59 -9.41 -3.72
C TRP A 69 19.21 -9.25 -2.99
N TYR A 70 18.10 -9.55 -3.68
CA TYR A 70 16.73 -9.46 -3.07
C TYR A 70 16.65 -10.22 -1.72
N LEU A 71 17.06 -11.50 -1.75
CA LEU A 71 17.14 -12.36 -0.58
C LEU A 71 17.95 -11.72 0.54
N SER A 72 19.09 -11.13 0.21
CA SER A 72 19.90 -10.47 1.22
C SER A 72 19.26 -9.23 1.87
N GLN A 73 18.18 -8.69 1.28
CA GLN A 73 17.49 -7.57 1.95
C GLN A 73 16.39 -8.04 2.93
N MET A 74 16.09 -9.34 2.93
CA MET A 74 15.00 -9.91 3.74
C MET A 74 15.38 -10.05 5.23
N PRO A 75 14.39 -9.96 6.12
CA PRO A 75 14.70 -10.28 7.51
C PRO A 75 15.07 -11.77 7.63
N PHE A 76 15.81 -12.12 8.69
CA PHE A 76 16.04 -13.53 9.02
C PHE A 76 14.76 -14.11 9.64
N SER A 77 14.37 -15.29 9.18
CA SER A 77 13.15 -15.93 9.63
C SER A 77 13.42 -17.42 9.79
N TRP A 78 12.42 -18.15 10.25
CA TRP A 78 12.48 -19.61 10.44
C TRP A 78 11.60 -20.26 9.34
N PRO A 79 11.83 -21.54 9.01
CA PRO A 79 11.22 -22.14 7.79
C PRO A 79 9.69 -21.99 7.66
N HIS A 80 8.95 -22.09 8.75
CA HIS A 80 7.48 -22.06 8.67
C HIS A 80 6.92 -20.65 8.68
N GLN A 81 7.80 -19.65 8.68
CA GLN A 81 7.35 -18.27 8.68
C GLN A 81 7.14 -17.70 7.27
N LEU A 82 6.26 -16.70 7.16
CA LEU A 82 6.09 -16.00 5.85
C LEU A 82 6.82 -14.67 5.87
N THR A 83 7.62 -14.45 4.85
CA THR A 83 8.35 -13.20 4.69
C THR A 83 7.57 -12.24 3.77
N VAL A 84 7.51 -10.97 4.16
CA VAL A 84 6.78 -9.98 3.43
C VAL A 84 7.66 -8.73 3.33
N GLU A 85 7.44 -7.98 2.24
CA GLU A 85 8.11 -6.74 1.89
C GLU A 85 6.97 -5.83 1.34
N LYS A 86 7.04 -4.51 1.61
CA LYS A 86 6.20 -3.52 0.95
C LYS A 86 7.05 -2.53 0.16
N THR A 87 6.74 -2.37 -1.12
CA THR A 87 7.26 -1.24 -1.95
C THR A 87 6.07 -0.68 -2.74
N PRO A 88 5.51 0.45 -2.32
CA PRO A 88 4.27 0.91 -2.99
C PRO A 88 4.39 1.25 -4.47
N ALA A 89 5.61 1.61 -4.95
CA ALA A 89 5.86 1.85 -6.41
C ALA A 89 5.61 0.66 -7.29
N TYR A 90 5.70 -0.55 -6.73
CA TYR A 90 5.43 -1.73 -7.56
C TYR A 90 4.15 -1.69 -8.43
N PHE A 91 3.02 -1.36 -7.80
CA PHE A 91 1.69 -1.48 -8.38
C PHE A 91 1.58 -0.73 -9.70
N THR A 92 2.15 0.47 -9.67
CA THR A 92 2.02 1.43 -10.77
C THR A 92 3.26 1.48 -11.68
N SER A 93 4.22 0.56 -11.52
CA SER A 93 5.36 0.43 -12.48
C SER A 93 5.10 -0.70 -13.47
N PRO A 94 4.95 -0.36 -14.77
CA PRO A 94 4.54 -1.33 -15.81
C PRO A 94 5.38 -2.60 -15.95
N LYS A 95 6.69 -2.51 -15.68
CA LYS A 95 7.66 -3.60 -15.89
C LYS A 95 7.68 -4.56 -14.72
N VAL A 96 7.07 -4.16 -13.60
CA VAL A 96 7.14 -4.96 -12.36
C VAL A 96 6.43 -6.33 -12.34
N PRO A 97 5.14 -6.40 -12.70
CA PRO A 97 4.46 -7.71 -12.60
C PRO A 97 5.18 -8.91 -13.30
N GLU A 98 5.74 -8.65 -14.48
CA GLU A 98 6.48 -9.61 -15.27
C GLU A 98 7.72 -10.09 -14.52
N ARG A 99 8.40 -9.19 -13.83
CA ARG A 99 9.55 -9.54 -13.00
C ARG A 99 9.16 -10.31 -11.75
N VAL A 100 8.05 -9.93 -11.11
CA VAL A 100 7.51 -10.69 -9.97
C VAL A 100 7.11 -12.13 -10.42
N TYR A 101 6.43 -12.22 -11.56
CA TYR A 101 6.07 -13.49 -12.16
C TYR A 101 7.29 -14.42 -12.45
N SER A 102 8.39 -13.88 -12.94
CA SER A 102 9.52 -14.78 -13.12
C SER A 102 10.24 -15.20 -11.82
N MET A 103 10.12 -14.42 -10.73
CA MET A 103 10.50 -14.96 -9.44
C MET A 103 9.54 -16.09 -9.00
N ASN A 104 8.23 -15.85 -9.03
CA ASN A 104 7.25 -16.78 -8.45
C ASN A 104 5.87 -16.58 -9.01
N PRO A 105 5.49 -17.37 -10.04
CA PRO A 105 4.16 -17.21 -10.65
C PRO A 105 3.01 -17.45 -9.63
N SER A 106 3.30 -18.16 -8.55
CA SER A 106 2.28 -18.54 -7.59
C SER A 106 2.14 -17.63 -6.36
N ILE A 107 2.98 -16.62 -6.30
CA ILE A 107 2.95 -15.72 -5.13
C ILE A 107 1.58 -15.09 -4.93
N ARG A 108 1.27 -14.87 -3.65
CA ARG A 108 0.06 -14.23 -3.22
C ARG A 108 0.41 -12.77 -2.92
N LEU A 109 -0.43 -11.84 -3.38
CA LEU A 109 -0.08 -10.42 -3.34
C LEU A 109 -1.14 -9.64 -2.58
N LEU A 110 -0.71 -8.56 -1.93
CA LEU A 110 -1.58 -7.70 -1.12
C LEU A 110 -1.58 -6.34 -1.80
N LEU A 111 -2.77 -5.84 -2.10
CA LEU A 111 -2.95 -4.53 -2.69
C LEU A 111 -3.94 -3.76 -1.78
N ILE A 112 -3.51 -2.63 -1.25
CA ILE A 112 -4.39 -1.80 -0.42
C ILE A 112 -4.79 -0.48 -1.11
N LEU A 113 -6.10 -0.27 -1.21
CA LEU A 113 -6.64 0.87 -1.97
C LEU A 113 -7.47 1.73 -1.07
N ARG A 114 -7.31 3.05 -1.21
CA ARG A 114 -8.20 4.01 -0.56
C ARG A 114 -9.10 4.60 -1.61
N ASP A 115 -10.14 5.32 -1.18
CA ASP A 115 -10.86 6.19 -2.11
C ASP A 115 -9.85 6.97 -3.00
N PRO A 116 -10.05 6.92 -4.32
CA PRO A 116 -9.03 7.47 -5.27
C PRO A 116 -8.81 8.99 -5.14
N SER A 117 -9.84 9.74 -4.74
CA SER A 117 -9.66 11.18 -4.48
C SER A 117 -8.92 11.43 -3.18
N GLU A 118 -9.24 10.66 -2.12
CA GLU A 118 -8.53 10.79 -0.87
C GLU A 118 -7.07 10.40 -1.08
N ARG A 119 -6.83 9.39 -1.90
CA ARG A 119 -5.44 8.97 -2.18
C ARG A 119 -4.61 10.07 -2.88
N VAL A 120 -5.22 10.76 -3.85
CA VAL A 120 -4.59 11.96 -4.51
C VAL A 120 -4.20 13.05 -3.48
N LEU A 121 -5.14 13.42 -2.63
CA LEU A 121 -4.85 14.43 -1.60
C LEU A 121 -3.78 13.97 -0.61
N SER A 122 -3.81 12.69 -0.28
CA SER A 122 -2.72 12.11 0.53
C SER A 122 -1.33 12.18 -0.11
N ASP A 123 -1.28 11.90 -1.40
CA ASP A 123 -0.05 11.88 -2.19
C ASP A 123 0.52 13.31 -2.26
N TYR A 124 -0.32 14.27 -2.67
CA TYR A 124 0.03 15.69 -2.60
C TYR A 124 0.57 16.13 -1.21
N THR A 125 -0.20 15.81 -0.16
CA THR A 125 0.16 16.17 1.22
C THR A 125 1.53 15.67 1.62
N GLN A 126 1.82 14.41 1.31
CA GLN A 126 3.12 13.88 1.63
C GLN A 126 4.27 14.63 0.96
N VAL A 127 4.15 14.93 -0.34
CA VAL A 127 5.24 15.65 -1.04
C VAL A 127 5.32 17.13 -0.56
N PHE A 128 4.17 17.76 -0.37
CA PHE A 128 4.10 19.07 0.26
C PHE A 128 4.85 19.08 1.59
N TYR A 129 4.57 18.11 2.45
CA TYR A 129 5.28 18.03 3.73
C TYR A 129 6.78 17.77 3.64
N ASN A 130 7.21 16.85 2.77
CA ASN A 130 8.63 16.68 2.46
C ASN A 130 9.30 18.02 2.11
N HIS A 131 8.61 18.88 1.36
CA HIS A 131 9.14 20.19 0.98
C HIS A 131 9.21 21.18 2.15
N MET A 132 8.08 21.38 2.83
CA MET A 132 7.94 22.34 3.95
C MET A 132 8.99 22.22 5.04
N GLN A 133 9.42 20.99 5.32
CA GLN A 133 10.49 20.76 6.25
C GLN A 133 11.90 20.95 5.68
N LYS A 134 12.10 20.75 4.37
CA LYS A 134 13.38 21.02 3.75
C LYS A 134 13.46 22.51 3.37
N HIS A 135 12.47 23.28 3.81
CA HIS A 135 12.33 24.72 3.49
C HIS A 135 12.31 25.07 2.01
N LYS A 136 11.89 24.13 1.16
CA LYS A 136 11.71 24.35 -0.30
C LYS A 136 10.27 24.79 -0.63
N PRO A 137 10.08 25.52 -1.76
CA PRO A 137 8.68 25.80 -2.21
C PRO A 137 7.97 24.55 -2.77
N TYR A 138 6.64 24.54 -2.71
CA TYR A 138 5.86 23.49 -3.37
C TYR A 138 4.56 24.08 -3.93
N PRO A 139 4.21 23.78 -5.20
CA PRO A 139 2.93 24.35 -5.65
C PRO A 139 1.75 23.96 -4.76
N SER A 140 0.66 24.74 -4.89
CA SER A 140 -0.61 24.47 -4.25
C SER A 140 -1.24 23.29 -4.92
N ILE A 141 -2.14 22.59 -4.21
CA ILE A 141 -2.80 21.48 -4.89
C ILE A 141 -3.64 21.93 -6.10
N GLU A 142 -4.23 23.14 -6.03
CA GLU A 142 -4.99 23.70 -7.15
C GLU A 142 -4.15 23.90 -8.40
N GLU A 143 -2.87 24.19 -8.20
CA GLU A 143 -1.90 24.35 -9.31
C GLU A 143 -1.70 23.02 -10.08
N PHE A 144 -1.77 21.87 -9.39
CA PHE A 144 -1.64 20.55 -10.03
C PHE A 144 -2.98 20.10 -10.61
N LEU A 145 -4.05 20.36 -9.86
CA LEU A 145 -5.38 19.81 -10.14
C LEU A 145 -6.11 20.58 -11.23
N VAL A 146 -5.80 21.87 -11.39
CA VAL A 146 -6.58 22.76 -12.34
C VAL A 146 -5.68 23.36 -13.43
N ARG A 147 -6.05 23.12 -14.68
CA ARG A 147 -5.33 23.65 -15.83
C ARG A 147 -6.36 24.23 -16.80
N ASP A 148 -6.21 25.50 -17.17
CA ASP A 148 -7.10 26.13 -18.16
C ASP A 148 -8.58 25.99 -17.69
N GLY A 149 -8.83 26.27 -16.42
CA GLY A 149 -10.17 26.18 -15.82
C GLY A 149 -10.86 24.79 -15.79
N ARG A 150 -10.09 23.74 -16.11
CA ARG A 150 -10.58 22.36 -16.16
C ARG A 150 -9.73 21.48 -15.25
N LEU A 151 -10.30 20.38 -14.77
CA LEU A 151 -9.53 19.37 -14.06
C LEU A 151 -8.32 18.95 -14.91
N ASN A 152 -7.13 18.97 -14.31
CA ASN A 152 -5.90 18.57 -15.01
C ASN A 152 -5.66 17.07 -15.02
N VAL A 153 -6.02 16.45 -16.15
CA VAL A 153 -5.91 14.99 -16.28
C VAL A 153 -4.46 14.46 -16.45
N ASP A 154 -3.51 15.37 -16.69
CA ASP A 154 -2.10 15.01 -16.79
C ASP A 154 -1.34 15.11 -15.44
N TYR A 155 -2.04 15.51 -14.37
CA TYR A 155 -1.50 15.40 -13.01
C TYR A 155 -1.31 13.92 -12.69
N LYS A 156 -0.06 13.53 -12.52
CA LYS A 156 0.38 12.12 -12.30
C LYS A 156 -0.32 11.47 -11.11
N ALA A 157 -0.57 12.22 -10.05
CA ALA A 157 -1.30 11.63 -8.91
C ALA A 157 -2.64 11.02 -9.31
N LEU A 158 -3.30 11.60 -10.33
CA LEU A 158 -4.59 11.12 -10.79
C LEU A 158 -4.41 9.77 -11.46
N ASN A 159 -3.33 9.64 -12.23
CA ASN A 159 -3.04 8.37 -12.91
C ASN A 159 -2.84 7.27 -11.87
N ARG A 160 -2.27 7.59 -10.70
CA ARG A 160 -1.97 6.48 -9.74
C ARG A 160 -3.27 5.98 -9.10
N SER A 161 -4.29 6.84 -9.14
CA SER A 161 -5.61 6.53 -8.66
C SER A 161 -6.54 5.85 -9.70
N LEU A 162 -6.10 5.77 -10.97
CA LEU A 162 -6.81 4.98 -11.98
C LEU A 162 -6.47 3.50 -11.77
N TYR A 163 -7.00 2.93 -10.70
CA TYR A 163 -6.67 1.58 -10.26
C TYR A 163 -6.88 0.49 -11.32
N HIS A 164 -7.95 0.59 -12.13
CA HIS A 164 -8.24 -0.41 -13.19
C HIS A 164 -7.08 -0.57 -14.20
N VAL A 165 -6.43 0.55 -14.52
CA VAL A 165 -5.34 0.57 -15.46
C VAL A 165 -4.17 -0.28 -14.88
N HIS A 166 -3.80 0.01 -13.63
CA HIS A 166 -2.69 -0.71 -13.00
C HIS A 166 -3.05 -2.15 -12.69
N MET A 167 -4.27 -2.41 -12.25
CA MET A 167 -4.76 -3.76 -11.98
C MET A 167 -4.71 -4.68 -13.20
N GLN A 168 -5.09 -4.13 -14.34
CA GLN A 168 -5.08 -4.86 -15.61
C GLN A 168 -3.65 -5.35 -15.95
N ASN A 169 -2.65 -4.52 -15.69
CA ASN A 169 -1.26 -4.91 -15.86
C ASN A 169 -0.82 -6.10 -14.96
N TRP A 170 -1.32 -6.14 -13.71
CA TRP A 170 -1.05 -7.28 -12.80
C TRP A 170 -1.82 -8.53 -13.25
N LEU A 171 -3.07 -8.34 -13.68
CA LEU A 171 -3.90 -9.46 -14.12
C LEU A 171 -3.44 -10.15 -15.42
N ARG A 172 -2.52 -9.54 -16.17
CA ARG A 172 -1.91 -10.22 -17.33
C ARG A 172 -1.04 -11.39 -16.83
N PHE A 173 -0.61 -11.33 -15.55
CA PHE A 173 0.36 -12.30 -15.01
C PHE A 173 -0.09 -13.11 -13.83
N PHE A 174 -1.05 -12.59 -13.06
CA PHE A 174 -1.45 -13.22 -11.84
C PHE A 174 -2.93 -13.39 -11.88
N PRO A 175 -3.43 -14.55 -11.38
CA PRO A 175 -4.86 -14.70 -11.31
C PRO A 175 -5.48 -13.80 -10.22
N LEU A 176 -6.73 -13.39 -10.48
CA LEU A 176 -7.51 -12.52 -9.60
C LEU A 176 -7.52 -12.98 -8.13
N ARG A 177 -7.62 -14.28 -7.94
CA ARG A 177 -7.80 -14.80 -6.58
C ARG A 177 -6.49 -14.77 -5.78
N HIS A 178 -5.38 -14.44 -6.43
CA HIS A 178 -4.06 -14.36 -5.78
C HIS A 178 -3.64 -12.92 -5.50
N ILE A 179 -4.52 -11.99 -5.81
CA ILE A 179 -4.30 -10.61 -5.38
C ILE A 179 -5.41 -10.24 -4.39
N HIS A 180 -5.08 -10.10 -3.13
CA HIS A 180 -6.10 -9.72 -2.15
C HIS A 180 -6.15 -8.20 -2.05
N ILE A 181 -7.34 -7.64 -2.26
CA ILE A 181 -7.51 -6.20 -2.14
C ILE A 181 -7.98 -5.82 -0.72
N VAL A 182 -7.11 -5.11 0.02
CA VAL A 182 -7.44 -4.56 1.31
C VAL A 182 -8.17 -3.23 1.08
N ASP A 183 -9.32 -3.10 1.74
CA ASP A 183 -10.11 -1.87 1.70
C ASP A 183 -9.42 -0.90 2.66
N GLY A 184 -8.62 0.04 2.13
CA GLY A 184 -7.84 0.99 2.90
C GLY A 184 -8.69 1.95 3.70
N ASP A 185 -9.83 2.38 3.16
CA ASP A 185 -10.79 3.22 3.91
C ASP A 185 -11.28 2.49 5.16
N ARG A 186 -11.69 1.22 5.01
CA ARG A 186 -12.07 0.40 6.18
C ARG A 186 -10.95 0.14 7.16
N LEU A 187 -9.73 -0.06 6.67
CA LEU A 187 -8.58 -0.24 7.56
C LEU A 187 -8.43 0.99 8.47
N ILE A 188 -8.64 2.19 7.90
CA ILE A 188 -8.56 3.43 8.69
C ILE A 188 -9.63 3.43 9.79
N ARG A 189 -10.90 3.13 9.44
CA ARG A 189 -12.02 3.20 10.38
C ARG A 189 -12.00 2.09 11.45
N ASP A 190 -11.65 0.86 11.06
CA ASP A 190 -11.79 -0.31 11.91
C ASP A 190 -10.86 -1.40 11.33
N PRO A 191 -9.55 -1.34 11.69
CA PRO A 191 -8.54 -2.21 11.01
C PRO A 191 -8.68 -3.71 11.20
N PHE A 192 -9.02 -4.15 12.42
CA PHE A 192 -8.98 -5.56 12.77
C PHE A 192 -9.79 -6.46 11.81
N PRO A 193 -11.06 -6.12 11.47
CA PRO A 193 -11.74 -6.95 10.46
C PRO A 193 -11.01 -7.07 9.12
N GLU A 194 -10.30 -6.00 8.69
CA GLU A 194 -9.58 -6.09 7.40
C GLU A 194 -8.37 -6.99 7.54
N ILE A 195 -7.78 -6.98 8.73
CA ILE A 195 -6.58 -7.72 8.99
C ILE A 195 -6.94 -9.22 9.12
N GLN A 196 -8.10 -9.53 9.68
CA GLN A 196 -8.59 -10.92 9.71
C GLN A 196 -8.69 -11.49 8.29
N LYS A 197 -9.24 -10.70 7.35
CA LYS A 197 -9.31 -11.13 5.95
C LYS A 197 -7.95 -11.41 5.31
N VAL A 198 -6.95 -10.60 5.63
CA VAL A 198 -5.58 -10.77 5.17
C VAL A 198 -5.06 -12.11 5.74
N GLU A 199 -5.24 -12.34 7.04
CA GLU A 199 -4.79 -13.64 7.62
C GLU A 199 -5.46 -14.79 6.90
N ARG A 200 -6.75 -14.66 6.66
CA ARG A 200 -7.50 -15.71 5.97
C ARG A 200 -6.96 -15.97 4.55
N PHE A 201 -6.74 -14.89 3.82
CA PHE A 201 -6.19 -14.96 2.46
C PHE A 201 -4.83 -15.64 2.49
N LEU A 202 -4.03 -15.34 3.49
CA LEU A 202 -2.70 -15.89 3.50
C LEU A 202 -2.67 -17.30 4.14
N LYS A 203 -3.84 -17.82 4.57
CA LYS A 203 -3.95 -19.12 5.26
C LYS A 203 -3.18 -19.14 6.60
N LEU A 204 -3.15 -18.00 7.30
CA LEU A 204 -2.51 -17.90 8.62
C LEU A 204 -3.54 -18.12 9.74
N SER A 205 -3.13 -18.80 10.81
CA SER A 205 -3.96 -18.94 11.97
C SER A 205 -4.36 -17.54 12.54
N PRO A 206 -5.58 -17.45 13.10
CA PRO A 206 -6.05 -16.16 13.65
C PRO A 206 -5.32 -15.70 14.92
N GLN A 207 -4.04 -15.32 14.78
CA GLN A 207 -3.27 -14.97 15.98
C GLN A 207 -3.52 -13.52 16.41
N ILE A 208 -3.83 -12.65 15.45
CA ILE A 208 -4.02 -11.21 15.75
C ILE A 208 -5.39 -11.04 16.46
N ASN A 209 -5.46 -10.11 17.42
CA ASN A 209 -6.66 -9.90 18.23
C ASN A 209 -7.10 -8.45 18.16
N ALA A 210 -8.39 -8.19 18.39
CA ALA A 210 -8.90 -6.82 18.45
C ALA A 210 -8.11 -6.02 19.47
N SER A 211 -7.59 -6.71 20.47
CA SER A 211 -6.78 -6.04 21.52
C SER A 211 -5.39 -5.59 21.07
N ASN A 212 -4.94 -6.00 19.88
CA ASN A 212 -3.65 -5.47 19.38
C ASN A 212 -3.76 -4.02 18.83
N PHE A 213 -4.97 -3.49 18.78
CA PHE A 213 -5.28 -2.18 18.20
C PHE A 213 -5.95 -1.28 19.24
N TYR A 214 -5.55 -0.02 19.31
CA TYR A 214 -6.29 0.97 20.11
C TYR A 214 -6.36 2.35 19.42
N PHE A 215 -7.45 3.07 19.59
CA PHE A 215 -7.54 4.40 18.98
C PHE A 215 -6.76 5.47 19.75
N ASN A 216 -5.82 6.12 19.09
CA ASN A 216 -5.10 7.17 19.73
C ASN A 216 -5.68 8.53 19.29
N LYS A 217 -6.22 9.28 20.26
CA LYS A 217 -6.98 10.53 19.99
C LYS A 217 -6.08 11.65 19.50
N THR A 218 -4.86 11.68 20.00
CA THR A 218 -3.91 12.64 19.49
C THR A 218 -3.55 12.30 18.04
N LYS A 219 -3.29 11.02 17.77
CA LYS A 219 -2.86 10.61 16.43
C LYS A 219 -4.02 10.78 15.46
N GLY A 220 -5.23 10.46 15.94
CA GLY A 220 -6.46 10.43 15.14
C GLY A 220 -6.57 9.16 14.31
N PHE A 221 -5.79 8.14 14.69
CA PHE A 221 -5.72 6.85 13.99
C PHE A 221 -5.52 5.77 15.04
N TYR A 222 -5.84 4.52 14.69
CA TYR A 222 -5.43 3.37 15.49
C TYR A 222 -3.92 3.21 15.60
N CYS A 223 -3.50 2.72 16.76
CA CYS A 223 -2.11 2.46 17.03
C CYS A 223 -2.06 1.01 17.49
N LEU A 224 -0.85 0.48 17.57
CA LEU A 224 -0.66 -0.94 17.77
C LEU A 224 -0.14 -1.28 19.17
N ARG A 225 -0.64 -2.39 19.70
CA ARG A 225 -0.34 -2.84 21.05
C ARG A 225 0.14 -4.29 20.99
N ASP A 226 1.31 -4.57 21.52
CA ASP A 226 1.82 -5.96 21.46
C ASP A 226 2.78 -6.29 22.59
N SER A 227 2.32 -7.16 23.51
CA SER A 227 3.09 -7.62 24.69
C SER A 227 3.82 -6.46 25.42
N GLY A 228 3.03 -5.55 25.97
CA GLY A 228 3.52 -4.42 26.76
C GLY A 228 3.91 -3.17 25.98
N ARG A 229 4.25 -3.34 24.70
CA ARG A 229 4.68 -2.20 23.89
C ARG A 229 3.56 -1.57 23.06
N ASP A 230 3.50 -0.24 23.11
CA ASP A 230 2.51 0.56 22.39
C ASP A 230 3.22 1.40 21.33
N ARG A 231 2.73 1.36 20.09
CA ARG A 231 3.33 2.14 19.01
C ARG A 231 2.33 2.65 17.96
N CYS A 232 2.45 3.95 17.66
CA CYS A 232 1.74 4.56 16.55
C CYS A 232 2.65 4.55 15.34
N LEU A 233 2.05 4.80 14.19
CA LEU A 233 2.83 5.03 12.99
C LEU A 233 3.46 6.40 13.13
N HIS A 234 4.53 6.62 12.36
CA HIS A 234 5.34 7.82 12.46
C HIS A 234 4.61 9.06 11.96
N GLU A 235 5.31 10.18 12.16
CA GLU A 235 4.84 11.54 11.87
C GLU A 235 4.27 11.67 10.46
N SER A 236 4.98 11.11 9.47
CA SER A 236 4.57 11.19 8.06
C SER A 236 3.22 10.50 7.75
N LYS A 237 2.73 9.64 8.66
CA LYS A 237 1.50 8.84 8.47
C LYS A 237 0.27 9.41 9.20
N GLY A 238 -0.73 9.79 8.43
CA GLY A 238 -1.96 10.33 8.95
C GLY A 238 -1.87 11.84 9.01
N ARG A 239 -1.53 12.47 7.88
CA ARG A 239 -1.34 13.94 7.80
C ARG A 239 -2.56 14.64 7.20
N ALA A 240 -2.91 15.78 7.77
CA ALA A 240 -4.08 16.58 7.35
C ALA A 240 -3.93 17.03 5.88
N HIS A 241 -4.94 16.71 5.08
CA HIS A 241 -4.98 17.07 3.67
C HIS A 241 -5.32 18.56 3.52
N PRO A 242 -4.96 19.18 2.37
CA PRO A 242 -5.31 20.58 2.16
C PRO A 242 -6.81 20.74 2.03
N GLN A 243 -7.29 21.90 2.46
CA GLN A 243 -8.63 22.38 2.16
C GLN A 243 -8.75 22.58 0.65
N VAL A 244 -9.78 22.02 0.05
CA VAL A 244 -10.00 22.15 -1.37
C VAL A 244 -11.45 22.60 -1.53
N ASP A 245 -11.66 23.63 -2.35
CA ASP A 245 -12.97 24.14 -2.73
C ASP A 245 -13.85 22.95 -3.09
N PRO A 246 -15.06 22.86 -2.50
CA PRO A 246 -16.08 21.84 -2.78
C PRO A 246 -16.38 21.61 -4.26
N LYS A 247 -16.39 22.67 -5.07
CA LYS A 247 -16.63 22.53 -6.49
C LYS A 247 -15.48 21.73 -7.15
N LEU A 248 -14.24 21.99 -6.73
CA LEU A 248 -13.09 21.26 -7.27
C LEU A 248 -13.08 19.80 -6.76
N LEU A 249 -13.35 19.62 -5.47
CA LEU A 249 -13.43 18.30 -4.82
C LEU A 249 -14.50 17.47 -5.49
N ASN A 250 -15.61 18.10 -5.84
CA ASN A 250 -16.65 17.43 -6.59
C ASN A 250 -16.24 16.94 -7.96
N LYS A 251 -15.54 17.78 -8.72
CA LYS A 251 -15.07 17.39 -10.05
C LYS A 251 -14.08 16.21 -9.96
N LEU A 252 -13.27 16.22 -8.91
CA LEU A 252 -12.30 15.16 -8.65
C LEU A 252 -13.05 13.85 -8.43
N HIS A 253 -14.05 13.90 -7.54
CA HIS A 253 -14.95 12.78 -7.30
C HIS A 253 -15.60 12.22 -8.56
N GLU A 254 -16.14 13.12 -9.41
CA GLU A 254 -16.78 12.76 -10.67
C GLU A 254 -15.80 12.16 -11.63
N TYR A 255 -14.58 12.70 -11.68
CA TYR A 255 -13.57 12.18 -12.60
C TYR A 255 -13.39 10.64 -12.42
N PHE A 256 -13.39 10.21 -11.16
CA PHE A 256 -13.12 8.83 -10.86
C PHE A 256 -14.34 7.90 -11.02
N HIS A 257 -15.54 8.42 -11.24
CA HIS A 257 -16.74 7.52 -11.20
C HIS A 257 -16.71 6.40 -12.25
N GLU A 258 -16.40 6.76 -13.48
CA GLU A 258 -16.29 5.79 -14.55
C GLU A 258 -15.13 4.80 -14.42
N PRO A 259 -13.88 5.28 -14.15
CA PRO A 259 -12.77 4.37 -13.84
C PRO A 259 -13.04 3.51 -12.60
N ASN A 260 -13.73 4.05 -11.60
CA ASN A 260 -14.15 3.23 -10.44
C ASN A 260 -15.05 2.05 -10.86
N LYS A 261 -16.08 2.33 -11.66
CA LYS A 261 -16.93 1.28 -12.19
C LYS A 261 -16.15 0.21 -13.00
N LYS A 262 -15.24 0.63 -13.88
CA LYS A 262 -14.34 -0.29 -14.60
C LYS A 262 -13.52 -1.18 -13.64
N PHE A 263 -13.03 -0.58 -12.54
CA PHE A 263 -12.27 -1.32 -11.52
C PHE A 263 -13.19 -2.36 -10.85
N PHE A 264 -14.37 -1.92 -10.46
CA PHE A 264 -15.36 -2.77 -9.78
C PHE A 264 -15.72 -3.96 -10.65
N GLU A 265 -15.87 -3.73 -11.96
CA GLU A 265 -16.26 -4.79 -12.89
C GLU A 265 -15.11 -5.76 -13.10
N LEU A 266 -13.88 -5.25 -13.06
CA LEU A 266 -12.69 -6.06 -13.25
C LEU A 266 -12.42 -6.96 -12.07
N VAL A 267 -12.67 -6.48 -10.86
CA VAL A 267 -12.28 -7.27 -9.68
C VAL A 267 -13.48 -8.02 -9.05
N GLY A 268 -14.68 -7.78 -9.57
CA GLY A 268 -15.89 -8.44 -9.02
C GLY A 268 -16.40 -7.96 -7.66
N ARG A 269 -16.05 -6.73 -7.26
CA ARG A 269 -16.65 -6.18 -6.03
C ARG A 269 -16.57 -4.65 -6.08
N THR A 270 -17.33 -3.99 -5.21
CA THR A 270 -17.41 -2.55 -5.17
C THR A 270 -16.80 -2.06 -3.85
N PHE A 271 -16.49 -0.77 -3.82
CA PHE A 271 -15.95 -0.15 -2.63
C PHE A 271 -16.80 1.10 -2.43
N ASP A 272 -16.97 1.52 -1.20
CA ASP A 272 -17.86 2.66 -0.92
C ASP A 272 -17.08 4.02 -1.10
N TRP A 273 -16.92 4.44 -2.34
CA TRP A 273 -16.08 5.61 -2.65
C TRP A 273 -16.94 6.81 -3.08
N HIS A 274 -16.38 8.03 -3.09
CA HIS A 274 -17.09 9.26 -3.56
C HIS A 274 -17.57 9.12 -5.02
P1 A3P B . -2.60 10.18 5.23
O1P A3P B . -3.14 10.81 3.93
O2P A3P B . -1.32 10.58 5.77
O3P A3P B . -3.73 10.05 6.24
P2 A3P B . 1.37 4.75 3.00
O4P A3P B . 1.14 3.67 1.98
O5P A3P B . 1.86 4.18 4.29
O6P A3P B . 2.20 5.93 2.55
O5' A3P B . -0.10 5.30 3.35
C5' A3P B . -0.26 6.38 4.28
C4' A3P B . -1.71 6.37 4.76
O4' A3P B . -1.94 5.28 5.65
C3' A3P B . -2.10 7.58 5.65
O3' A3P B . -2.35 8.65 4.79
C2' A3P B . -3.33 7.05 6.41
O2' A3P B . -4.59 7.55 5.93
C1' A3P B . -3.26 5.52 6.18
N9 A3P B . -3.41 4.77 7.45
C8 A3P B . -4.15 3.66 7.61
N7 A3P B . -4.09 3.22 8.87
C5 A3P B . -3.26 4.04 9.56
C6 A3P B . -2.78 4.14 10.94
N6 A3P B . -3.14 3.22 11.87
N1 A3P B . -1.94 5.15 11.23
C2 A3P B . -1.55 6.09 10.34
N3 A3P B . -1.96 6.06 9.07
C4 A3P B . -2.81 5.08 8.63
#